data_5I38
#
_entry.id   5I38
#
_cell.length_a   70.240
_cell.length_b   74.970
_cell.length_c   121.700
_cell.angle_alpha   90.000
_cell.angle_beta   90.000
_cell.angle_gamma   90.000
#
_symmetry.space_group_name_H-M   'P 21 21 21'
#
loop_
_entity.id
_entity.type
_entity.pdbx_description
1 polymer Tyrosinase
2 non-polymer 'COPPER (II) ION'
3 non-polymer 5-HYDROXY-2-(HYDROXYMETHYL)-4H-PYRAN-4-ONE
4 water water
#
_entity_poly.entity_id   1
_entity_poly.type   'polypeptide(L)'
_entity_poly.pdbx_seq_one_letter_code
;KYRVRKNVLHLTDTEKRDFVRTVLILKEKGIYDRYIAWHGAAGKFHTPPGSDRNAAHMSSAFLPWHREYLLRFERDLQSI
NPEVTLPYWEWETDAQMQDPSQSQIWSADFMGGNGNPIKDFIVDTGPFAAGRWTTIDEQGNPSGGLKRNFGATKEAPTLP
TRDDVLNALKITQYDTPPWDMTSQNSFRNQLEGFINGPQLHNRVHRWVGGQMGVVPTAPNDPVFFLHHANVDRIWAVWQI
IHRNQNYQPMKNGPFGQNFRDPMYPWNTTPEDVMNHRKLGYVYDIEL
;
_entity_poly.pdbx_strand_id   A,B
#
loop_
_chem_comp.id
_chem_comp.type
_chem_comp.name
_chem_comp.formula
CU non-polymer 'COPPER (II) ION' 'Cu 2'
KOJ non-polymer 5-HYDROXY-2-(HYDROXYMETHYL)-4H-PYRAN-4-ONE 'C6 H6 O4'
#
# COMPACT_ATOMS: atom_id res chain seq x y z
N TYR A 2 12.21 22.06 -15.92
CA TYR A 2 13.66 22.18 -15.89
C TYR A 2 14.32 20.87 -15.49
N ARG A 3 13.64 19.76 -15.79
CA ARG A 3 14.19 18.41 -15.60
C ARG A 3 13.85 17.62 -16.85
N VAL A 4 14.87 17.24 -17.62
CA VAL A 4 14.67 16.64 -18.93
C VAL A 4 14.84 15.13 -18.81
N ARG A 5 13.85 14.39 -19.31
CA ARG A 5 13.89 12.94 -19.37
C ARG A 5 14.17 12.52 -20.81
N LYS A 6 15.31 11.87 -21.03
CA LYS A 6 15.83 11.62 -22.36
C LYS A 6 15.44 10.23 -22.86
N ASN A 7 15.36 10.11 -24.19
CA ASN A 7 15.31 8.80 -24.83
C ASN A 7 16.52 7.98 -24.41
N VAL A 8 16.29 6.68 -24.20
CA VAL A 8 17.38 5.79 -23.78
C VAL A 8 18.50 5.78 -24.81
N LEU A 9 18.15 5.80 -26.10
CA LEU A 9 19.16 5.76 -27.15
C LEU A 9 19.97 7.04 -27.25
N HIS A 10 19.55 8.11 -26.58
CA HIS A 10 20.29 9.36 -26.59
C HIS A 10 21.20 9.53 -25.38
N LEU A 11 21.24 8.54 -24.50
CA LEU A 11 22.04 8.63 -23.29
C LEU A 11 23.52 8.39 -23.60
N THR A 12 24.38 9.12 -22.90
CA THR A 12 25.81 8.85 -22.95
C THR A 12 26.14 7.66 -22.07
N ASP A 13 27.32 7.09 -22.30
CA ASP A 13 27.78 5.97 -21.48
C ASP A 13 27.96 6.36 -20.02
N THR A 14 28.10 7.66 -19.74
CA THR A 14 28.16 8.11 -18.35
C THR A 14 26.76 8.27 -17.75
N GLU A 15 25.80 8.73 -18.56
CA GLU A 15 24.42 8.80 -18.09
C GLU A 15 23.85 7.40 -17.88
N LYS A 16 24.18 6.45 -18.77
CA LYS A 16 23.73 5.08 -18.59
C LYS A 16 24.30 4.47 -17.33
N ARG A 17 25.58 4.73 -17.06
CA ARG A 17 26.23 4.17 -15.87
C ARG A 17 25.65 4.76 -14.59
N ASP A 18 25.42 6.08 -14.57
CA ASP A 18 24.95 6.73 -13.35
C ASP A 18 23.53 6.30 -13.00
N PHE A 19 22.67 6.12 -14.01
CA PHE A 19 21.31 5.65 -13.75
C PHE A 19 21.33 4.24 -13.18
N VAL A 20 22.10 3.33 -13.81
CA VAL A 20 22.24 1.97 -13.30
C VAL A 20 22.79 1.99 -11.88
N ARG A 21 23.79 2.85 -11.62
CA ARG A 21 24.36 2.96 -10.29
C ARG A 21 23.31 3.37 -9.26
N THR A 22 22.51 4.38 -9.58
CA THR A 22 21.53 4.89 -8.63
C THR A 22 20.47 3.83 -8.30
N VAL A 23 19.98 3.12 -9.32
CA VAL A 23 18.97 2.08 -9.08
C VAL A 23 19.50 1.02 -8.14
N LEU A 24 20.76 0.60 -8.32
CA LEU A 24 21.35 -0.39 -7.43
C LEU A 24 21.44 0.13 -6.00
N ILE A 25 21.77 1.41 -5.83
CA ILE A 25 21.86 1.98 -4.49
C ILE A 25 20.49 2.03 -3.83
N LEU A 26 19.48 2.53 -4.56
CA LEU A 26 18.11 2.52 -4.04
C LEU A 26 17.65 1.11 -3.70
N LYS A 27 18.11 0.11 -4.46
CA LYS A 27 17.77 -1.27 -4.16
C LYS A 27 18.46 -1.73 -2.87
N GLU A 28 19.72 -1.35 -2.68
CA GLU A 28 20.46 -1.80 -1.50
C GLU A 28 19.92 -1.16 -0.23
N LYS A 29 19.48 0.10 -0.31
CA LYS A 29 18.95 0.77 0.89
C LYS A 29 17.60 0.21 1.30
N GLY A 30 16.84 -0.35 0.37
CA GLY A 30 15.50 -0.84 0.64
C GLY A 30 14.39 0.02 0.08
N ILE A 31 14.73 1.08 -0.66
CA ILE A 31 13.71 1.98 -1.20
C ILE A 31 13.03 1.36 -2.42
N TYR A 32 13.80 0.63 -3.24
CA TYR A 32 13.25 0.08 -4.48
C TYR A 32 12.09 -0.87 -4.20
N ASP A 33 12.22 -1.71 -3.16
CA ASP A 33 11.16 -2.67 -2.87
C ASP A 33 9.84 -2.00 -2.50
N ARG A 34 9.90 -0.77 -1.98
CA ARG A 34 8.67 -0.04 -1.69
C ARG A 34 7.82 0.13 -2.94
N TYR A 35 8.46 0.33 -4.09
CA TYR A 35 7.72 0.55 -5.33
C TYR A 35 7.15 -0.74 -5.89
N ILE A 36 7.87 -1.86 -5.73
CA ILE A 36 7.31 -3.16 -6.07
C ILE A 36 6.04 -3.42 -5.26
N ALA A 37 6.12 -3.18 -3.95
CA ALA A 37 4.98 -3.45 -3.07
C ALA A 37 3.81 -2.52 -3.37
N TRP A 38 4.09 -1.23 -3.56
CA TRP A 38 3.03 -0.29 -3.92
C TRP A 38 2.27 -0.74 -5.16
N HIS A 39 3.01 -1.17 -6.19
CA HIS A 39 2.36 -1.57 -7.43
C HIS A 39 1.53 -2.83 -7.26
N GLY A 40 2.04 -3.80 -6.48
CA GLY A 40 1.27 -4.99 -6.20
C GLY A 40 0.04 -4.70 -5.35
N ALA A 41 0.18 -3.84 -4.35
CA ALA A 41 -0.94 -3.51 -3.48
C ALA A 41 -2.06 -2.81 -4.25
N ALA A 42 -1.70 -1.87 -5.12
CA ALA A 42 -2.72 -1.16 -5.90
C ALA A 42 -3.42 -2.10 -6.87
N GLY A 43 -2.71 -3.11 -7.39
CA GLY A 43 -3.33 -4.08 -8.27
C GLY A 43 -4.42 -4.89 -7.59
N LYS A 44 -4.33 -5.04 -6.26
CA LYS A 44 -5.33 -5.77 -5.50
C LYS A 44 -6.46 -4.90 -4.97
N PHE A 45 -6.38 -3.58 -5.15
CA PHE A 45 -7.35 -2.66 -4.55
C PHE A 45 -8.39 -2.34 -5.61
N HIS A 46 -9.48 -3.09 -5.60
CA HIS A 46 -10.51 -2.98 -6.63
C HIS A 46 -11.46 -1.82 -6.32
N THR A 47 -11.87 -1.13 -7.38
CA THR A 47 -12.69 0.08 -7.24
C THR A 47 -13.92 0.05 -8.15
N PRO A 48 -15.08 -0.36 -7.60
CA PRO A 48 -15.27 -0.84 -6.23
C PRO A 48 -14.99 -2.33 -6.10
N PRO A 49 -14.95 -2.87 -4.89
CA PRO A 49 -14.78 -4.31 -4.71
C PRO A 49 -15.82 -5.09 -5.51
N GLY A 50 -15.38 -6.18 -6.14
CA GLY A 50 -16.22 -6.95 -7.03
C GLY A 50 -15.90 -6.73 -8.48
N SER A 51 -15.74 -5.48 -8.89
CA SER A 51 -15.36 -5.16 -10.26
C SER A 51 -13.90 -5.54 -10.50
N ASP A 52 -13.52 -5.62 -11.77
CA ASP A 52 -12.14 -5.86 -12.13
C ASP A 52 -11.35 -4.58 -12.33
N ARG A 53 -11.93 -3.44 -11.97
CA ARG A 53 -11.18 -2.20 -11.92
C ARG A 53 -10.31 -2.21 -10.68
N ASN A 54 -9.06 -1.77 -10.82
CA ASN A 54 -8.20 -1.56 -9.67
C ASN A 54 -7.63 -0.15 -9.71
N ALA A 55 -6.97 0.23 -8.62
CA ALA A 55 -6.53 1.61 -8.47
C ALA A 55 -5.49 2.01 -9.51
N ALA A 56 -4.70 1.05 -9.99
CA ALA A 56 -3.59 1.35 -10.89
C ALA A 56 -3.82 0.88 -12.33
N HIS A 57 -4.80 0.04 -12.59
CA HIS A 57 -4.98 -0.51 -13.92
C HIS A 57 -6.46 -0.68 -14.23
N MET A 58 -6.75 -0.89 -15.50
CA MET A 58 -8.07 -1.32 -15.96
C MET A 58 -9.16 -0.29 -15.63
N SER A 59 -8.79 0.98 -15.56
CA SER A 59 -9.74 2.06 -15.31
C SER A 59 -9.04 3.38 -15.59
N SER A 60 -9.77 4.48 -15.34
CA SER A 60 -9.34 5.80 -15.78
C SER A 60 -8.11 6.29 -15.03
N ALA A 61 -7.83 5.75 -13.85
CA ALA A 61 -6.69 6.22 -13.07
C ALA A 61 -5.38 5.58 -13.49
N PHE A 62 -5.40 4.68 -14.48
CA PHE A 62 -4.18 4.01 -14.94
C PHE A 62 -3.07 5.00 -15.24
N LEU A 63 -3.38 6.04 -16.01
CA LEU A 63 -2.33 6.99 -16.42
C LEU A 63 -1.87 7.89 -15.28
N PRO A 64 -2.75 8.59 -14.55
CA PRO A 64 -2.24 9.45 -13.47
C PRO A 64 -1.58 8.68 -12.34
N TRP A 65 -2.03 7.45 -12.06
CA TRP A 65 -1.40 6.65 -11.01
C TRP A 65 0.08 6.40 -11.33
N HIS A 66 0.36 5.98 -12.57
CA HIS A 66 1.74 5.66 -12.93
C HIS A 66 2.58 6.92 -13.08
N ARG A 67 1.97 8.05 -13.44
CA ARG A 67 2.71 9.31 -13.46
C ARG A 67 3.17 9.69 -12.06
N GLU A 68 2.26 9.61 -11.09
CA GLU A 68 2.65 9.81 -9.69
C GLU A 68 3.65 8.76 -9.24
N TYR A 69 3.45 7.51 -9.67
CA TYR A 69 4.41 6.44 -9.39
C TYR A 69 5.80 6.81 -9.88
N LEU A 70 5.91 7.26 -11.13
CA LEU A 70 7.21 7.64 -11.67
C LEU A 70 7.76 8.89 -11.01
N LEU A 71 6.88 9.83 -10.63
CA LEU A 71 7.33 11.06 -9.98
C LEU A 71 8.02 10.76 -8.66
N ARG A 72 7.41 9.90 -7.86
CA ARG A 72 7.99 9.51 -6.58
C ARG A 72 9.31 8.76 -6.76
N PHE A 73 9.38 7.93 -7.80
CA PHE A 73 10.58 7.16 -8.09
C PHE A 73 11.73 8.07 -8.52
N GLU A 74 11.44 9.06 -9.36
CA GLU A 74 12.48 9.98 -9.81
C GLU A 74 13.00 10.82 -8.66
N ARG A 75 12.12 11.25 -7.75
CA ARG A 75 12.55 11.97 -6.57
C ARG A 75 13.49 11.12 -5.72
N ASP A 76 13.17 9.85 -5.54
CA ASP A 76 14.07 8.95 -4.82
C ASP A 76 15.40 8.77 -5.55
N LEU A 77 15.38 8.78 -6.89
CA LEU A 77 16.61 8.74 -7.64
C LEU A 77 17.48 9.95 -7.32
N GLN A 78 16.88 11.13 -7.20
CA GLN A 78 17.62 12.36 -6.98
C GLN A 78 18.19 12.46 -5.58
N SER A 79 17.64 11.73 -4.62
CA SER A 79 18.19 11.75 -3.26
C SER A 79 19.62 11.23 -3.23
N ILE A 80 19.96 10.30 -4.11
CA ILE A 80 21.32 9.78 -4.21
C ILE A 80 22.17 10.62 -5.17
N ASN A 81 21.60 11.00 -6.32
CA ASN A 81 22.32 11.76 -7.32
C ASN A 81 21.41 12.82 -7.95
N PRO A 82 21.64 14.10 -7.65
CA PRO A 82 20.76 15.15 -8.18
C PRO A 82 20.95 15.41 -9.67
N GLU A 83 21.66 14.52 -10.36
CA GLU A 83 21.90 14.66 -11.79
C GLU A 83 21.31 13.52 -12.61
N VAL A 84 20.60 12.58 -11.97
CA VAL A 84 20.01 11.44 -12.65
C VAL A 84 18.51 11.68 -12.82
N THR A 85 18.02 11.50 -14.04
CA THR A 85 16.61 11.58 -14.36
C THR A 85 16.14 10.24 -14.91
N LEU A 86 14.83 10.12 -15.12
CA LEU A 86 14.22 8.87 -15.55
C LEU A 86 14.12 8.81 -17.07
N PRO A 87 14.98 8.07 -17.75
CA PRO A 87 14.85 7.92 -19.20
C PRO A 87 13.63 7.11 -19.58
N TYR A 88 13.25 7.19 -20.85
CA TYR A 88 12.10 6.46 -21.37
C TYR A 88 12.53 5.56 -22.53
N TRP A 89 11.87 4.41 -22.62
CA TRP A 89 12.15 3.41 -23.65
C TRP A 89 11.12 3.56 -24.76
N GLU A 90 11.53 4.18 -25.87
CA GLU A 90 10.66 4.40 -27.02
C GLU A 90 10.60 3.10 -27.83
N TRP A 91 9.76 2.17 -27.34
CA TRP A 91 9.70 0.85 -27.96
C TRP A 91 9.06 0.86 -29.34
N GLU A 92 8.37 1.95 -29.72
CA GLU A 92 7.76 1.98 -31.04
C GLU A 92 8.79 2.15 -32.15
N THR A 93 10.00 2.61 -31.82
CA THR A 93 11.07 2.68 -32.80
C THR A 93 11.97 1.45 -32.77
N ASP A 94 12.10 0.79 -31.61
CA ASP A 94 12.78 -0.50 -31.58
C ASP A 94 12.04 -1.53 -32.41
N ALA A 95 10.70 -1.45 -32.45
CA ALA A 95 9.90 -2.34 -33.28
C ALA A 95 10.22 -2.21 -34.76
N GLN A 96 10.80 -1.07 -35.18
CA GLN A 96 11.18 -0.89 -36.56
C GLN A 96 12.30 -1.84 -36.97
N MET A 97 13.11 -2.28 -36.02
CA MET A 97 14.22 -3.18 -36.30
C MET A 97 13.74 -4.56 -36.70
N GLN A 98 14.54 -5.22 -37.54
CA GLN A 98 14.28 -6.62 -37.90
C GLN A 98 14.16 -7.47 -36.64
N ASP A 99 15.15 -7.37 -35.74
CA ASP A 99 15.15 -8.07 -34.47
C ASP A 99 15.21 -7.04 -33.35
N PRO A 100 14.08 -6.68 -32.74
CA PRO A 100 14.09 -5.65 -31.69
C PRO A 100 14.94 -6.02 -30.49
N SER A 101 15.30 -7.28 -30.32
CA SER A 101 16.17 -7.69 -29.21
C SER A 101 17.60 -7.20 -29.38
N GLN A 102 17.96 -6.71 -30.56
CA GLN A 102 19.30 -6.17 -30.81
C GLN A 102 19.44 -4.72 -30.39
N SER A 103 18.41 -4.13 -29.79
CA SER A 103 18.49 -2.73 -29.37
C SER A 103 19.49 -2.55 -28.25
N GLN A 104 20.15 -1.39 -28.23
CA GLN A 104 21.18 -1.11 -27.23
C GLN A 104 20.64 -1.03 -25.81
N ILE A 105 19.32 -0.94 -25.63
CA ILE A 105 18.76 -0.92 -24.29
C ILE A 105 19.01 -2.25 -23.56
N TRP A 106 19.22 -3.33 -24.31
CA TRP A 106 19.46 -4.64 -23.71
C TRP A 106 20.94 -4.98 -23.65
N SER A 107 21.81 -3.98 -23.68
CA SER A 107 23.24 -4.22 -23.60
C SER A 107 23.67 -4.39 -22.15
N ALA A 108 24.83 -5.03 -21.97
CA ALA A 108 25.31 -5.38 -20.63
C ALA A 108 25.61 -4.16 -19.77
N ASP A 109 25.75 -2.98 -20.36
CA ASP A 109 26.03 -1.77 -19.60
C ASP A 109 24.77 -1.05 -19.13
N PHE A 110 23.58 -1.53 -19.52
CA PHE A 110 22.35 -0.86 -19.13
C PHE A 110 21.27 -1.70 -18.43
N MET A 111 20.53 -2.49 -19.20
CA MET A 111 19.41 -3.25 -18.67
C MET A 111 19.74 -4.74 -18.69
N GLY A 112 20.78 -5.14 -19.41
CA GLY A 112 21.05 -6.55 -19.63
C GLY A 112 20.17 -7.13 -20.72
N GLY A 113 20.49 -8.38 -21.09
CA GLY A 113 19.90 -9.00 -22.26
C GLY A 113 18.73 -9.92 -21.94
N ASN A 114 18.36 -10.70 -22.93
CA ASN A 114 17.24 -11.64 -22.80
C ASN A 114 17.62 -12.78 -21.84
N GLY A 115 16.60 -13.50 -21.40
CA GLY A 115 16.82 -14.61 -20.50
C GLY A 115 17.53 -15.78 -21.16
N ASN A 116 18.17 -16.60 -20.33
CA ASN A 116 18.90 -17.76 -20.80
C ASN A 116 17.97 -18.97 -20.79
N PRO A 117 17.59 -19.51 -21.95
CA PRO A 117 16.67 -20.67 -21.95
C PRO A 117 17.25 -21.89 -21.28
N ILE A 118 18.57 -21.94 -21.06
CA ILE A 118 19.15 -23.07 -20.34
C ILE A 118 18.84 -22.97 -18.86
N LYS A 119 18.67 -21.75 -18.34
CA LYS A 119 18.45 -21.51 -16.92
C LYS A 119 17.04 -21.01 -16.64
N ASP A 120 16.05 -21.56 -17.35
CA ASP A 120 14.64 -21.17 -17.22
C ASP A 120 14.47 -19.67 -17.44
N PHE A 121 15.22 -19.13 -18.41
CA PHE A 121 15.11 -17.75 -18.87
C PHE A 121 15.52 -16.74 -17.80
N ILE A 122 16.33 -17.17 -16.82
CA ILE A 122 16.97 -16.23 -15.91
C ILE A 122 17.91 -15.33 -16.70
N VAL A 123 17.83 -14.03 -16.45
CA VAL A 123 18.74 -13.06 -17.06
C VAL A 123 20.10 -13.20 -16.38
N ASP A 124 21.14 -13.50 -17.17
CA ASP A 124 22.47 -13.74 -16.64
C ASP A 124 23.50 -12.76 -17.19
N THR A 125 23.06 -11.67 -17.80
CA THR A 125 23.94 -10.62 -18.28
C THR A 125 23.41 -9.28 -17.82
N GLY A 126 24.30 -8.30 -17.74
CA GLY A 126 23.94 -6.96 -17.35
C GLY A 126 23.98 -6.74 -15.86
N PRO A 127 23.75 -5.50 -15.43
CA PRO A 127 23.87 -5.18 -14.00
C PRO A 127 22.81 -5.81 -13.12
N PHE A 128 21.72 -6.33 -13.70
CA PHE A 128 20.62 -6.90 -12.93
C PHE A 128 20.53 -8.40 -13.09
N ALA A 129 21.63 -9.05 -13.46
CA ALA A 129 21.65 -10.49 -13.63
C ALA A 129 21.54 -11.21 -12.30
N ALA A 130 21.20 -12.50 -12.36
CA ALA A 130 21.15 -13.33 -11.17
C ALA A 130 22.48 -13.28 -10.41
N GLY A 131 22.37 -13.13 -9.09
CA GLY A 131 23.52 -12.95 -8.24
C GLY A 131 23.87 -11.51 -7.95
N ARG A 132 23.35 -10.57 -8.75
CA ARG A 132 23.56 -9.15 -8.54
C ARG A 132 22.30 -8.41 -8.13
N TRP A 133 21.13 -9.05 -8.26
CA TRP A 133 19.86 -8.34 -8.14
C TRP A 133 18.81 -9.35 -7.72
N THR A 134 18.35 -9.26 -6.47
CA THR A 134 17.39 -10.20 -5.94
C THR A 134 15.96 -9.71 -6.19
N THR A 135 15.08 -10.64 -6.52
CA THR A 135 13.69 -10.33 -6.80
C THR A 135 12.79 -10.90 -5.70
N ILE A 136 11.59 -10.32 -5.60
CA ILE A 136 10.59 -10.79 -4.65
C ILE A 136 9.36 -11.26 -5.43
N ASP A 137 8.66 -12.24 -4.87
CA ASP A 137 7.53 -12.84 -5.55
C ASP A 137 6.24 -12.08 -5.19
N GLU A 138 5.10 -12.65 -5.58
CA GLU A 138 3.81 -12.01 -5.33
C GLU A 138 3.56 -11.85 -3.83
N GLN A 139 4.13 -12.72 -3.01
CA GLN A 139 3.87 -12.72 -1.56
C GLN A 139 4.88 -11.88 -0.78
N GLY A 140 5.85 -11.27 -1.43
CA GLY A 140 6.83 -10.45 -0.75
C GLY A 140 8.08 -11.18 -0.29
N ASN A 141 8.26 -12.43 -0.71
CA ASN A 141 9.41 -13.25 -0.34
C ASN A 141 10.36 -13.37 -1.52
N PRO A 142 11.66 -13.60 -1.26
CA PRO A 142 12.62 -13.70 -2.37
C PRO A 142 12.22 -14.76 -3.39
N SER A 143 12.51 -14.48 -4.65
CA SER A 143 12.17 -15.37 -5.76
C SER A 143 13.35 -15.81 -6.60
N GLY A 144 14.53 -15.22 -6.42
CA GLY A 144 15.75 -15.79 -6.95
C GLY A 144 16.15 -15.42 -8.36
N GLY A 145 15.80 -14.23 -8.83
CA GLY A 145 16.36 -13.79 -10.10
C GLY A 145 15.40 -13.24 -11.13
N LEU A 146 15.83 -12.20 -11.83
CA LEU A 146 15.02 -11.60 -12.90
C LEU A 146 14.97 -12.52 -14.11
N LYS A 147 13.78 -12.67 -14.68
CA LYS A 147 13.57 -13.47 -15.88
C LYS A 147 13.06 -12.59 -17.01
N ARG A 148 13.41 -12.97 -18.24
CA ARG A 148 12.91 -12.32 -19.45
C ARG A 148 12.83 -13.37 -20.55
N ASN A 149 11.85 -13.21 -21.45
CA ASN A 149 11.66 -14.13 -22.58
C ASN A 149 11.01 -13.34 -23.72
N PHE A 150 11.83 -12.61 -24.46
CA PHE A 150 11.35 -11.69 -25.48
C PHE A 150 10.50 -12.39 -26.53
N GLY A 151 9.26 -11.92 -26.69
CA GLY A 151 8.42 -12.32 -27.81
C GLY A 151 8.10 -13.79 -27.90
N ALA A 152 8.06 -14.49 -26.76
CA ALA A 152 7.79 -15.92 -26.76
C ALA A 152 6.31 -16.25 -26.63
N THR A 153 5.43 -15.29 -26.84
CA THR A 153 3.99 -15.49 -26.76
C THR A 153 3.34 -15.31 -28.13
N LYS A 154 2.22 -16.00 -28.34
CA LYS A 154 1.49 -15.87 -29.59
C LYS A 154 0.53 -14.68 -29.59
N GLU A 155 0.21 -14.12 -28.42
CA GLU A 155 -0.66 -12.96 -28.37
C GLU A 155 0.11 -11.65 -28.38
N ALA A 156 1.42 -11.70 -28.20
CA ALA A 156 2.27 -10.50 -28.26
C ALA A 156 3.64 -10.91 -28.79
N PRO A 157 3.71 -11.33 -30.06
CA PRO A 157 5.01 -11.73 -30.61
C PRO A 157 5.89 -10.56 -30.98
N THR A 158 5.33 -9.36 -31.16
CA THR A 158 6.07 -8.19 -31.58
C THR A 158 5.81 -7.03 -30.61
N LEU A 159 6.61 -6.00 -30.76
CA LEU A 159 6.43 -4.75 -30.03
C LEU A 159 5.49 -3.84 -30.80
N PRO A 160 4.76 -2.97 -30.10
CA PRO A 160 3.88 -2.03 -30.79
C PRO A 160 4.65 -1.13 -31.72
N THR A 161 3.98 -0.68 -32.77
CA THR A 161 4.59 0.10 -33.84
C THR A 161 4.34 1.59 -33.63
N ARG A 162 5.01 2.41 -34.44
CA ARG A 162 4.72 3.84 -34.45
C ARG A 162 3.30 4.09 -34.93
N ASP A 163 2.81 3.25 -35.84
CA ASP A 163 1.43 3.39 -36.32
C ASP A 163 0.43 3.14 -35.20
N ASP A 164 0.74 2.19 -34.30
CA ASP A 164 -0.14 1.95 -33.15
C ASP A 164 -0.22 3.18 -32.26
N VAL A 165 0.90 3.86 -32.03
CA VAL A 165 0.90 5.05 -31.19
C VAL A 165 0.15 6.18 -31.87
N LEU A 166 0.38 6.38 -33.17
CA LEU A 166 -0.29 7.46 -33.90
C LEU A 166 -1.80 7.28 -33.90
N ASN A 167 -2.28 6.04 -34.09
CA ASN A 167 -3.72 5.80 -34.12
C ASN A 167 -4.35 6.02 -32.75
N ALA A 168 -3.61 5.80 -31.67
CA ALA A 168 -4.14 6.07 -30.34
C ALA A 168 -4.22 7.56 -30.05
N LEU A 169 -3.30 8.34 -30.60
CA LEU A 169 -3.32 9.78 -30.38
C LEU A 169 -4.48 10.48 -31.08
N LYS A 170 -5.15 9.81 -32.02
CA LYS A 170 -6.30 10.40 -32.70
C LYS A 170 -7.54 10.43 -31.83
N ILE A 171 -7.61 9.59 -30.80
CA ILE A 171 -8.82 9.50 -29.99
C ILE A 171 -9.06 10.82 -29.27
N THR A 172 -10.31 11.28 -29.31
CA THR A 172 -10.67 12.57 -28.74
C THR A 172 -10.94 12.50 -27.25
N GLN A 173 -11.65 11.46 -26.80
CA GLN A 173 -12.01 11.34 -25.40
C GLN A 173 -10.87 10.67 -24.62
N TYR A 174 -10.59 11.22 -23.44
CA TYR A 174 -9.63 10.57 -22.55
C TYR A 174 -10.12 9.18 -22.14
N ASP A 175 -11.37 9.09 -21.70
CA ASP A 175 -11.96 7.82 -21.33
C ASP A 175 -13.47 7.93 -21.47
N THR A 176 -14.12 6.76 -21.50
CA THR A 176 -15.57 6.67 -21.67
C THR A 176 -16.13 5.67 -20.67
N PRO A 177 -17.42 5.80 -20.31
CA PRO A 177 -18.07 4.82 -19.44
C PRO A 177 -18.08 3.42 -20.06
N PRO A 178 -18.04 2.37 -19.23
CA PRO A 178 -18.05 2.43 -17.77
C PRO A 178 -16.66 2.49 -17.14
N TRP A 179 -15.72 3.15 -17.81
CA TRP A 179 -14.40 3.46 -17.26
C TRP A 179 -13.66 2.18 -16.84
N ASP A 180 -13.62 1.21 -17.74
CA ASP A 180 -13.01 -0.07 -17.37
C ASP A 180 -12.45 -0.74 -18.62
N MET A 181 -12.19 -2.04 -18.50
CA MET A 181 -11.58 -2.85 -19.56
C MET A 181 -12.33 -2.76 -20.88
N THR A 182 -13.64 -2.50 -20.83
CA THR A 182 -14.49 -2.53 -22.01
C THR A 182 -14.70 -1.16 -22.63
N SER A 183 -14.06 -0.11 -22.11
CA SER A 183 -14.27 1.24 -22.64
C SER A 183 -13.87 1.31 -24.11
N GLN A 184 -14.80 1.80 -24.94
CA GLN A 184 -14.58 1.99 -26.36
C GLN A 184 -14.38 3.47 -26.67
N ASN A 185 -13.63 3.74 -27.73
CA ASN A 185 -13.31 5.10 -28.17
C ASN A 185 -12.69 5.90 -27.01
N SER A 186 -11.73 5.27 -26.34
CA SER A 186 -11.09 5.83 -25.16
C SER A 186 -9.59 5.80 -25.35
N PHE A 187 -8.95 6.98 -25.23
CA PHE A 187 -7.49 7.04 -25.31
C PHE A 187 -6.85 6.20 -24.21
N ARG A 188 -7.36 6.33 -22.98
CA ARG A 188 -6.81 5.58 -21.86
C ARG A 188 -6.84 4.08 -22.14
N ASN A 189 -8.01 3.55 -22.52
CA ASN A 189 -8.12 2.12 -22.78
C ASN A 189 -7.30 1.71 -24.00
N GLN A 190 -7.22 2.57 -25.02
CA GLN A 190 -6.38 2.30 -26.17
C GLN A 190 -4.91 2.19 -25.78
N LEU A 191 -4.40 3.23 -25.11
CA LEU A 191 -2.99 3.23 -24.72
C LEU A 191 -2.69 2.11 -23.74
N GLU A 192 -3.63 1.81 -22.83
CA GLU A 192 -3.45 0.70 -21.91
C GLU A 192 -3.30 -0.62 -22.65
N GLY A 193 -4.12 -0.85 -23.66
CA GLY A 193 -3.97 -2.00 -24.52
C GLY A 193 -5.05 -3.05 -24.41
N PHE A 194 -6.30 -2.64 -24.22
CA PHE A 194 -7.42 -3.56 -24.15
C PHE A 194 -8.29 -3.55 -25.39
N ILE A 195 -8.14 -2.70 -26.26
CA ILE A 195 -8.84 -2.69 -27.55
C ILE A 195 -8.15 -3.72 -28.44
N ASN A 196 -8.77 -4.74 -28.67
CA ASN A 196 -8.18 -5.88 -29.39
C ASN A 196 -6.85 -6.28 -28.77
N GLY A 197 -6.85 -6.38 -27.45
CA GLY A 197 -5.64 -6.63 -26.68
C GLY A 197 -5.00 -7.99 -26.92
N PRO A 198 -3.73 -8.14 -26.51
CA PRO A 198 -2.99 -7.04 -25.89
C PRO A 198 -2.19 -6.20 -26.89
N GLN A 199 -2.33 -4.89 -26.77
CA GLN A 199 -1.59 -3.93 -27.59
C GLN A 199 -0.94 -2.89 -26.69
N LEU A 200 -0.01 -2.12 -27.27
CA LEU A 200 0.65 -1.01 -26.60
C LEU A 200 1.11 -1.43 -25.20
N HIS A 201 0.73 -0.65 -24.18
CA HIS A 201 1.21 -0.90 -22.82
C HIS A 201 1.16 -2.36 -22.40
N ASN A 202 0.01 -3.01 -22.58
CA ASN A 202 -0.11 -4.41 -22.18
C ASN A 202 0.77 -5.32 -23.03
N ARG A 203 0.88 -5.03 -24.33
CA ARG A 203 1.68 -5.86 -25.21
C ARG A 203 3.15 -5.79 -24.85
N VAL A 204 3.64 -4.60 -24.47
CA VAL A 204 5.04 -4.45 -24.09
C VAL A 204 5.36 -5.34 -22.89
N HIS A 205 4.45 -5.38 -21.92
CA HIS A 205 4.65 -6.26 -20.75
C HIS A 205 4.69 -7.72 -21.16
N ARG A 206 3.79 -8.13 -22.04
CA ARG A 206 3.76 -9.54 -22.45
C ARG A 206 4.92 -9.87 -23.38
N TRP A 207 5.42 -8.89 -24.13
CA TRP A 207 6.54 -9.15 -25.04
C TRP A 207 7.82 -9.39 -24.25
N VAL A 208 8.05 -8.64 -23.17
CA VAL A 208 9.24 -8.82 -22.37
C VAL A 208 9.20 -10.15 -21.64
N GLY A 209 8.04 -10.53 -21.13
CA GLY A 209 7.92 -11.77 -20.38
C GLY A 209 8.58 -11.67 -19.01
N GLY A 210 8.81 -12.84 -18.42
CA GLY A 210 9.39 -12.88 -17.09
C GLY A 210 8.49 -12.22 -16.07
N GLN A 211 9.11 -11.51 -15.11
CA GLN A 211 8.33 -10.77 -14.13
C GLN A 211 7.50 -9.68 -14.79
N MET A 212 7.97 -9.12 -15.90
CA MET A 212 7.25 -8.05 -16.59
C MET A 212 5.91 -8.50 -17.14
N GLY A 213 5.68 -9.80 -17.25
CA GLY A 213 4.46 -10.31 -17.85
C GLY A 213 3.27 -10.46 -16.94
N VAL A 214 3.41 -10.18 -15.65
CA VAL A 214 2.29 -10.25 -14.71
C VAL A 214 2.35 -9.05 -13.77
N VAL A 215 1.17 -8.62 -13.33
CA VAL A 215 1.06 -7.36 -12.59
C VAL A 215 1.86 -7.37 -11.28
N PRO A 216 1.68 -8.32 -10.36
CA PRO A 216 2.30 -8.17 -9.03
C PRO A 216 3.82 -8.14 -9.02
N THR A 217 4.48 -8.69 -10.04
CA THR A 217 5.94 -8.79 -10.04
C THR A 217 6.60 -7.91 -11.08
N ALA A 218 5.84 -7.22 -11.93
CA ALA A 218 6.42 -6.43 -13.01
C ALA A 218 7.51 -5.45 -12.57
N PRO A 219 7.37 -4.67 -11.49
CA PRO A 219 8.42 -3.71 -11.13
C PRO A 219 9.75 -4.34 -10.73
N ASN A 220 9.81 -5.67 -10.58
CA ASN A 220 11.11 -6.31 -10.31
C ASN A 220 12.11 -6.05 -11.42
N ASP A 221 11.65 -5.76 -12.64
CA ASP A 221 12.53 -5.45 -13.75
C ASP A 221 12.66 -3.93 -13.86
N PRO A 222 13.87 -3.38 -13.77
CA PRO A 222 14.02 -1.92 -13.88
C PRO A 222 13.49 -1.34 -15.18
N VAL A 223 13.36 -2.14 -16.24
CA VAL A 223 12.82 -1.64 -17.50
C VAL A 223 11.35 -1.28 -17.38
N PHE A 224 10.67 -1.73 -16.30
CA PHE A 224 9.31 -1.30 -16.02
C PHE A 224 9.20 0.22 -15.97
N PHE A 225 10.21 0.89 -15.40
CA PHE A 225 10.15 2.33 -15.24
C PHE A 225 10.45 3.04 -16.56
N LEU A 226 11.36 2.48 -17.36
CA LEU A 226 11.59 3.03 -18.69
C LEU A 226 10.37 2.85 -19.58
N HIS A 227 9.72 1.69 -19.48
CA HIS A 227 8.48 1.45 -20.21
C HIS A 227 7.43 2.50 -19.90
N HIS A 228 7.10 2.67 -18.61
CA HIS A 228 6.05 3.61 -18.23
C HIS A 228 6.46 5.06 -18.43
N ALA A 229 7.76 5.35 -18.42
CA ALA A 229 8.20 6.69 -18.79
C ALA A 229 7.81 7.02 -20.23
N ASN A 230 7.86 6.02 -21.12
CA ASN A 230 7.40 6.23 -22.49
C ASN A 230 5.88 6.33 -22.56
N VAL A 231 5.18 5.52 -21.76
CA VAL A 231 3.72 5.63 -21.70
C VAL A 231 3.30 7.01 -21.21
N ASP A 232 4.00 7.52 -20.19
CA ASP A 232 3.68 8.85 -19.67
C ASP A 232 4.00 9.92 -20.71
N ARG A 233 5.03 9.73 -21.53
CA ARG A 233 5.34 10.68 -22.59
C ARG A 233 4.23 10.71 -23.63
N ILE A 234 3.76 9.54 -24.04
CA ILE A 234 2.68 9.47 -25.04
C ILE A 234 1.43 10.17 -24.51
N TRP A 235 1.13 9.98 -23.22
CA TRP A 235 0.02 10.71 -22.60
C TRP A 235 0.27 12.21 -22.65
N ALA A 236 1.48 12.64 -22.31
CA ALA A 236 1.80 14.07 -22.34
C ALA A 236 1.68 14.65 -23.74
N VAL A 237 2.01 13.85 -24.77
CA VAL A 237 1.80 14.31 -26.14
C VAL A 237 0.32 14.44 -26.44
N TRP A 238 -0.49 13.48 -25.95
CA TRP A 238 -1.93 13.55 -26.16
C TRP A 238 -2.52 14.78 -25.50
N GLN A 239 -2.05 15.14 -24.30
CA GLN A 239 -2.57 16.32 -23.63
C GLN A 239 -2.23 17.60 -24.38
N ILE A 240 -1.08 17.65 -25.05
CA ILE A 240 -0.70 18.83 -25.81
C ILE A 240 -1.56 18.96 -27.07
N ILE A 241 -1.82 17.84 -27.74
CA ILE A 241 -2.62 17.88 -28.96
C ILE A 241 -4.05 18.30 -28.66
N HIS A 242 -4.71 17.59 -27.74
CA HIS A 242 -6.09 17.90 -27.37
C HIS A 242 -6.09 18.78 -26.13
N ARG A 243 -5.65 20.02 -26.32
CA ARG A 243 -5.44 20.94 -25.20
C ARG A 243 -6.75 21.29 -24.50
N ASN A 244 -7.91 21.10 -25.16
CA ASN A 244 -9.19 21.46 -24.58
C ASN A 244 -9.98 20.24 -24.11
N GLN A 245 -9.36 19.07 -24.07
CA GLN A 245 -9.90 17.90 -23.40
C GLN A 245 -9.29 17.77 -22.01
N ASN A 246 -10.04 17.18 -21.09
CA ASN A 246 -9.60 17.02 -19.72
C ASN A 246 -9.83 15.58 -19.26
N TYR A 247 -9.34 15.28 -18.06
CA TYR A 247 -9.48 13.96 -17.47
C TYR A 247 -10.95 13.56 -17.34
N GLN A 248 -11.21 12.28 -17.51
CA GLN A 248 -12.53 11.72 -17.27
C GLN A 248 -12.40 10.40 -16.50
N PRO A 249 -13.35 10.12 -15.59
CA PRO A 249 -14.52 10.94 -15.28
C PRO A 249 -14.24 12.07 -14.29
N MET A 250 -14.97 13.17 -14.40
CA MET A 250 -14.86 14.26 -13.45
C MET A 250 -15.63 13.97 -12.16
N LYS A 251 -16.69 13.18 -12.24
CA LYS A 251 -17.52 12.87 -11.09
C LYS A 251 -18.37 11.65 -11.40
N ASN A 252 -18.99 11.11 -10.35
CA ASN A 252 -19.91 9.98 -10.42
C ASN A 252 -19.29 8.73 -11.03
N GLY A 253 -17.95 8.65 -11.06
CA GLY A 253 -17.29 7.40 -11.33
C GLY A 253 -17.09 6.62 -10.04
N PRO A 254 -16.53 5.42 -10.13
CA PRO A 254 -16.18 4.69 -8.92
C PRO A 254 -15.16 5.47 -8.10
N PHE A 255 -15.27 5.35 -6.78
CA PHE A 255 -14.36 6.08 -5.90
C PHE A 255 -12.92 5.64 -6.14
N GLY A 256 -12.04 6.61 -6.33
CA GLY A 256 -10.67 6.36 -6.72
C GLY A 256 -10.40 6.64 -8.18
N GLN A 257 -11.44 6.87 -8.98
CA GLN A 257 -11.29 7.11 -10.41
C GLN A 257 -11.66 8.54 -10.82
N ASN A 258 -12.33 9.29 -9.96
CA ASN A 258 -12.77 10.62 -10.32
C ASN A 258 -11.58 11.60 -10.29
N PHE A 259 -11.82 12.79 -10.86
CA PHE A 259 -10.76 13.76 -11.06
C PHE A 259 -10.07 14.14 -9.75
N ARG A 260 -10.83 14.19 -8.65
CA ARG A 260 -10.31 14.68 -7.38
C ARG A 260 -10.34 13.62 -6.27
N ASP A 261 -10.38 12.31 -6.65
CA ASP A 261 -10.31 11.26 -5.65
C ASP A 261 -8.86 10.89 -5.35
N PRO A 262 -8.56 10.52 -4.10
CA PRO A 262 -7.21 10.04 -3.79
C PRO A 262 -6.95 8.70 -4.45
N MET A 263 -5.73 8.53 -4.97
CA MET A 263 -5.32 7.30 -5.65
C MET A 263 -4.58 6.43 -4.65
N TYR A 264 -5.21 5.34 -4.23
CA TYR A 264 -4.56 4.33 -3.41
C TYR A 264 -3.28 3.87 -4.10
N PRO A 265 -2.18 3.71 -3.34
CA PRO A 265 -2.08 3.81 -1.89
C PRO A 265 -1.66 5.19 -1.37
N TRP A 266 -1.91 6.24 -2.13
CA TRP A 266 -1.55 7.59 -1.74
C TRP A 266 -2.81 8.43 -1.54
N ASN A 267 -2.60 9.69 -1.15
CA ASN A 267 -3.66 10.70 -1.15
C ASN A 267 -3.64 11.56 -2.41
N THR A 268 -2.63 11.38 -3.27
CA THR A 268 -2.55 12.12 -4.52
C THR A 268 -3.79 11.86 -5.38
N THR A 269 -4.32 12.93 -5.96
CA THR A 269 -5.43 12.86 -6.89
C THR A 269 -4.93 12.92 -8.32
N PRO A 270 -5.77 12.54 -9.29
CA PRO A 270 -5.35 12.72 -10.70
C PRO A 270 -5.09 14.17 -11.05
N GLU A 271 -5.88 15.08 -10.50
CA GLU A 271 -5.67 16.51 -10.75
C GLU A 271 -4.28 16.96 -10.29
N ASP A 272 -3.76 16.36 -9.22
CA ASP A 272 -2.47 16.80 -8.69
C ASP A 272 -1.34 16.58 -9.68
N VAL A 273 -1.49 15.63 -10.61
CA VAL A 273 -0.44 15.32 -11.56
C VAL A 273 -0.92 15.49 -13.00
N MET A 274 -2.00 16.26 -13.21
CA MET A 274 -2.57 16.38 -14.54
C MET A 274 -1.71 17.21 -15.48
N ASN A 275 -0.84 18.07 -14.95
CA ASN A 275 0.08 18.87 -15.74
C ASN A 275 1.49 18.47 -15.35
N HIS A 276 2.18 17.72 -16.23
CA HIS A 276 3.48 17.18 -15.88
C HIS A 276 4.54 18.28 -15.78
N ARG A 277 4.36 19.39 -16.48
CA ARG A 277 5.31 20.49 -16.34
C ARG A 277 5.22 21.14 -14.96
N LYS A 278 4.03 21.14 -14.35
CA LYS A 278 3.92 21.60 -12.97
C LYS A 278 4.67 20.68 -12.02
N LEU A 279 4.80 19.40 -12.38
CA LEU A 279 5.52 18.45 -11.54
C LEU A 279 7.03 18.65 -11.61
N GLY A 280 7.52 19.43 -12.57
CA GLY A 280 8.91 19.81 -12.61
C GLY A 280 9.77 19.11 -13.66
N TYR A 281 9.19 18.32 -14.54
CA TYR A 281 9.96 17.61 -15.54
C TYR A 281 9.37 17.80 -16.93
N VAL A 282 10.17 17.46 -17.94
CA VAL A 282 9.79 17.60 -19.34
C VAL A 282 10.49 16.50 -20.13
N TYR A 283 9.89 16.10 -21.24
CA TYR A 283 10.51 15.14 -22.13
C TYR A 283 11.28 15.87 -23.22
N ASP A 284 12.38 15.26 -23.65
CA ASP A 284 13.33 15.94 -24.54
C ASP A 284 12.69 16.32 -25.87
N ILE A 285 11.69 15.57 -26.32
CA ILE A 285 11.04 15.91 -27.59
C ILE A 285 10.26 17.20 -27.50
N GLU A 286 9.92 17.66 -26.30
CA GLU A 286 9.17 18.90 -26.14
C GLU A 286 10.04 20.15 -26.27
N LEU A 287 11.37 20.00 -26.33
CA LEU A 287 12.26 21.15 -26.42
C LEU A 287 12.78 21.34 -27.84
N LYS B 1 -3.76 17.87 21.31
CA LYS B 1 -4.12 18.19 22.69
C LYS B 1 -5.55 18.70 22.77
N TYR B 2 -6.09 19.10 21.61
CA TYR B 2 -7.41 19.71 21.53
C TYR B 2 -8.48 18.75 21.06
N ARG B 3 -8.18 17.45 21.02
CA ARG B 3 -9.10 16.44 20.51
C ARG B 3 -9.04 15.25 21.47
N VAL B 4 -10.13 14.99 22.18
CA VAL B 4 -10.14 14.02 23.27
C VAL B 4 -10.73 12.70 22.78
N ARG B 5 -10.02 11.62 23.01
CA ARG B 5 -10.48 10.28 22.68
C ARG B 5 -10.93 9.59 23.96
N LYS B 6 -12.22 9.26 24.02
CA LYS B 6 -12.85 8.81 25.25
C LYS B 6 -12.91 7.28 25.32
N ASN B 7 -12.93 6.78 26.55
CA ASN B 7 -13.27 5.38 26.78
C ASN B 7 -14.63 5.09 26.17
N VAL B 8 -14.76 3.90 25.57
CA VAL B 8 -16.01 3.51 24.93
C VAL B 8 -17.16 3.51 25.95
N LEU B 9 -16.88 3.06 27.18
CA LEU B 9 -17.92 3.00 28.20
C LEU B 9 -18.34 4.37 28.70
N HIS B 10 -17.61 5.43 28.37
CA HIS B 10 -17.94 6.78 28.78
C HIS B 10 -18.68 7.56 27.69
N LEU B 11 -18.96 6.93 26.55
CA LEU B 11 -19.63 7.61 25.45
C LEU B 11 -21.11 7.79 25.75
N THR B 12 -21.66 8.92 25.32
CA THR B 12 -23.10 9.13 25.38
C THR B 12 -23.77 8.38 24.24
N ASP B 13 -25.09 8.19 24.38
CA ASP B 13 -25.86 7.54 23.33
C ASP B 13 -25.85 8.35 22.04
N THR B 14 -25.54 9.64 22.12
CA THR B 14 -25.40 10.45 20.92
C THR B 14 -24.01 10.29 20.31
N GLU B 15 -22.99 10.13 21.16
CA GLU B 15 -21.64 9.89 20.67
C GLU B 15 -21.52 8.51 20.02
N LYS B 16 -22.18 7.50 20.60
CA LYS B 16 -22.15 6.16 20.01
C LYS B 16 -22.81 6.16 18.64
N ARG B 17 -23.94 6.86 18.50
CA ARG B 17 -24.64 6.88 17.22
C ARG B 17 -23.84 7.59 16.14
N ASP B 18 -23.20 8.71 16.47
CA ASP B 18 -22.48 9.48 15.47
C ASP B 18 -21.23 8.75 14.99
N PHE B 19 -20.54 8.06 15.90
CA PHE B 19 -19.36 7.28 15.49
C PHE B 19 -19.75 6.16 14.55
N VAL B 20 -20.77 5.38 14.92
CA VAL B 20 -21.27 4.32 14.05
C VAL B 20 -21.73 4.90 12.72
N ARG B 21 -22.43 6.03 12.76
CA ARG B 21 -22.89 6.68 11.54
C ARG B 21 -21.72 7.04 10.64
N THR B 22 -20.68 7.66 11.22
CA THR B 22 -19.54 8.11 10.43
C THR B 22 -18.81 6.94 9.77
N VAL B 23 -18.57 5.87 10.54
CA VAL B 23 -17.89 4.71 9.99
C VAL B 23 -18.66 4.13 8.81
N LEU B 24 -19.98 4.07 8.91
CA LEU B 24 -20.79 3.55 7.80
C LEU B 24 -20.64 4.43 6.57
N ILE B 25 -20.55 5.75 6.75
CA ILE B 25 -20.37 6.66 5.62
C ILE B 25 -19.01 6.44 4.97
N LEU B 26 -17.95 6.36 5.79
CA LEU B 26 -16.63 6.08 5.24
C LEU B 26 -16.61 4.77 4.46
N LYS B 27 -17.38 3.79 4.91
CA LYS B 27 -17.47 2.52 4.18
C LYS B 27 -18.21 2.70 2.86
N GLU B 28 -19.30 3.47 2.86
CA GLU B 28 -20.10 3.65 1.66
C GLU B 28 -19.33 4.45 0.61
N LYS B 29 -18.54 5.44 1.03
CA LYS B 29 -17.80 6.25 0.07
C LYS B 29 -16.66 5.47 -0.56
N GLY B 30 -16.14 4.46 0.13
CA GLY B 30 -14.99 3.71 -0.33
C GLY B 30 -13.71 4.01 0.40
N ILE B 31 -13.74 4.86 1.42
CA ILE B 31 -12.52 5.24 2.14
C ILE B 31 -12.12 4.14 3.12
N TYR B 32 -13.09 3.48 3.74
CA TYR B 32 -12.79 2.47 4.75
C TYR B 32 -11.93 1.34 4.20
N ASP B 33 -12.20 0.91 2.98
CA ASP B 33 -11.45 -0.19 2.38
C ASP B 33 -9.98 0.17 2.20
N ARG B 34 -9.67 1.46 2.06
CA ARG B 34 -8.27 1.88 1.97
C ARG B 34 -7.47 1.43 3.17
N TYR B 35 -8.08 1.44 4.36
CA TYR B 35 -7.37 1.06 5.57
C TYR B 35 -7.22 -0.45 5.69
N ILE B 36 -8.22 -1.21 5.23
CA ILE B 36 -8.07 -2.66 5.14
C ILE B 36 -6.89 -3.01 4.23
N ALA B 37 -6.83 -2.35 3.06
CA ALA B 37 -5.76 -2.65 2.11
C ALA B 37 -4.40 -2.20 2.63
N TRP B 38 -4.33 -1.00 3.20
CA TRP B 38 -3.07 -0.52 3.79
C TRP B 38 -2.55 -1.50 4.82
N HIS B 39 -3.42 -1.99 5.70
CA HIS B 39 -2.99 -2.90 6.76
C HIS B 39 -2.55 -4.24 6.18
N GLY B 40 -3.26 -4.75 5.17
CA GLY B 40 -2.85 -5.98 4.54
C GLY B 40 -1.55 -5.85 3.77
N ALA B 41 -1.37 -4.74 3.06
CA ALA B 41 -0.15 -4.54 2.28
C ALA B 41 1.08 -4.46 3.17
N ALA B 42 0.99 -3.72 4.28
CA ALA B 42 2.11 -3.61 5.19
C ALA B 42 2.44 -4.93 5.85
N GLY B 43 1.44 -5.78 6.09
CA GLY B 43 1.68 -7.10 6.64
C GLY B 43 2.48 -7.99 5.73
N LYS B 44 2.44 -7.74 4.42
CA LYS B 44 3.18 -8.50 3.43
C LYS B 44 4.55 -7.90 3.12
N PHE B 45 4.87 -6.74 3.69
CA PHE B 45 6.08 -6.00 3.33
C PHE B 45 7.15 -6.32 4.38
N HIS B 46 7.96 -7.33 4.08
CA HIS B 46 8.95 -7.81 5.04
C HIS B 46 10.20 -6.95 5.02
N THR B 47 10.77 -6.72 6.20
CA THR B 47 11.90 -5.80 6.36
C THR B 47 13.06 -6.41 7.14
N PRO B 48 14.07 -6.94 6.42
CA PRO B 48 14.14 -6.99 4.96
C PRO B 48 13.45 -8.26 4.43
N PRO B 49 13.27 -8.35 3.11
CA PRO B 49 12.69 -9.57 2.54
C PRO B 49 13.45 -10.81 2.99
N GLY B 50 12.70 -11.85 3.35
CA GLY B 50 13.30 -13.05 3.90
C GLY B 50 13.14 -13.13 5.40
N SER B 51 13.38 -12.02 6.09
CA SER B 51 13.24 -11.98 7.54
C SER B 51 11.77 -12.03 7.96
N ASP B 52 11.55 -12.36 9.23
CA ASP B 52 10.22 -12.41 9.83
C ASP B 52 9.88 -11.10 10.53
N ARG B 53 9.91 -10.02 9.79
CA ARG B 53 9.58 -8.76 10.33
C ARG B 53 8.81 -8.02 9.28
N ASN B 54 7.72 -7.37 9.61
CA ASN B 54 7.08 -6.54 8.62
C ASN B 54 6.99 -5.10 9.06
N ALA B 55 6.59 -4.26 8.14
CA ALA B 55 6.49 -2.86 8.40
C ALA B 55 5.52 -2.45 9.49
N ALA B 56 4.47 -3.20 9.66
CA ALA B 56 3.44 -2.86 10.65
C ALA B 56 3.46 -3.75 11.88
N HIS B 57 4.16 -4.88 11.86
CA HIS B 57 4.12 -5.81 12.97
C HIS B 57 5.47 -6.48 13.13
N MET B 58 5.63 -7.13 14.30
CA MET B 58 6.76 -8.01 14.57
C MET B 58 8.10 -7.28 14.53
N SER B 59 8.09 -5.99 14.84
CA SER B 59 9.33 -5.20 14.89
C SER B 59 9.00 -3.86 15.55
N SER B 60 10.02 -3.01 15.62
CA SER B 60 9.93 -1.79 16.44
C SER B 60 8.94 -0.78 15.90
N ALA B 61 8.59 -0.84 14.62
CA ALA B 61 7.67 0.12 14.05
C ALA B 61 6.22 -0.21 14.31
N PHE B 62 5.94 -1.33 14.99
CA PHE B 62 4.56 -1.74 15.26
C PHE B 62 3.75 -0.61 15.89
N LEU B 63 4.30 0.04 16.92
CA LEU B 63 3.54 1.07 17.63
C LEU B 63 3.40 2.35 16.80
N PRO B 64 4.47 2.96 16.28
CA PRO B 64 4.28 4.19 15.50
C PRO B 64 3.49 3.98 14.21
N TRP B 65 3.61 2.81 13.58
CA TRP B 65 2.85 2.54 12.36
C TRP B 65 1.34 2.64 12.61
N HIS B 66 0.87 2.00 13.68
CA HIS B 66 -0.56 2.02 13.96
C HIS B 66 -1.02 3.38 14.46
N ARG B 67 -0.14 4.14 15.11
CA ARG B 67 -0.51 5.50 15.51
C ARG B 67 -0.78 6.37 14.29
N GLU B 68 0.12 6.31 13.29
CA GLU B 68 -0.13 6.99 12.03
C GLU B 68 -1.38 6.44 11.35
N TYR B 69 -1.56 5.12 11.41
CA TYR B 69 -2.76 4.48 10.90
C TYR B 69 -4.01 5.07 11.55
N LEU B 70 -4.02 5.15 12.89
CA LEU B 70 -5.16 5.73 13.60
C LEU B 70 -5.30 7.21 13.34
N LEU B 71 -4.18 7.92 13.20
CA LEU B 71 -4.22 9.36 12.93
C LEU B 71 -4.92 9.65 11.60
N ARG B 72 -4.54 8.90 10.57
CA ARG B 72 -5.15 9.07 9.25
C ARG B 72 -6.63 8.70 9.29
N PHE B 73 -6.97 7.66 10.06
CA PHE B 73 -8.34 7.21 10.17
C PHE B 73 -9.20 8.26 10.89
N GLU B 74 -8.67 8.87 11.94
CA GLU B 74 -9.42 9.88 12.68
C GLU B 74 -9.64 11.12 11.82
N ARG B 75 -8.64 11.51 11.03
CA ARG B 75 -8.81 12.64 10.12
C ARG B 75 -9.94 12.39 9.12
N ASP B 76 -10.01 11.18 8.58
CA ASP B 76 -11.12 10.84 7.68
C ASP B 76 -12.46 10.89 8.42
N LEU B 77 -12.47 10.52 9.70
CA LEU B 77 -13.68 10.67 10.51
C LEU B 77 -14.08 12.14 10.62
N GLN B 78 -13.09 13.03 10.78
CA GLN B 78 -13.41 14.44 10.98
C GLN B 78 -13.90 15.10 9.70
N SER B 79 -13.54 14.56 8.54
CA SER B 79 -14.04 15.12 7.28
C SER B 79 -15.55 14.95 7.16
N ILE B 80 -16.13 13.99 7.64
CA ILE B 80 -17.57 13.77 7.62
C ILE B 80 -18.24 14.49 8.77
N ASN B 81 -17.62 14.36 10.08
CA ASN B 81 -18.14 15.03 11.26
C ASN B 81 -16.97 15.57 12.07
N PRO B 82 -16.74 16.90 12.09
CA PRO B 82 -15.58 17.45 12.79
C PRO B 82 -15.67 17.38 14.30
N GLU B 83 -16.66 16.65 14.81
CA GLU B 83 -16.83 16.46 16.25
C GLU B 83 -16.70 15.01 16.67
N VAL B 84 -16.39 14.10 15.76
CA VAL B 84 -16.27 12.68 16.07
C VAL B 84 -14.80 12.32 16.19
N THR B 85 -14.43 11.66 17.28
CA THR B 85 -13.09 11.17 17.52
C THR B 85 -13.12 9.64 17.66
N LEU B 86 -11.93 9.07 17.78
CA LEU B 86 -11.74 7.63 17.86
C LEU B 86 -11.73 7.16 19.32
N PRO B 87 -12.83 6.58 19.81
CA PRO B 87 -12.81 6.04 21.17
C PRO B 87 -11.93 4.80 21.24
N TYR B 88 -11.60 4.41 22.48
CA TYR B 88 -10.75 3.26 22.72
C TYR B 88 -11.47 2.24 23.59
N TRP B 89 -11.18 0.97 23.34
CA TRP B 89 -11.78 -0.16 24.06
C TRP B 89 -10.79 -0.58 25.15
N GLU B 90 -11.10 -0.21 26.38
CA GLU B 90 -10.24 -0.54 27.52
C GLU B 90 -10.53 -1.99 27.93
N TRP B 91 -9.96 -2.93 27.17
CA TRP B 91 -10.23 -4.34 27.40
C TRP B 91 -9.63 -4.86 28.69
N GLU B 92 -8.70 -4.13 29.33
CA GLU B 92 -8.13 -4.60 30.59
C GLU B 92 -9.13 -4.52 31.74
N THR B 93 -10.20 -3.74 31.60
CA THR B 93 -11.27 -3.71 32.59
C THR B 93 -12.42 -4.63 32.24
N ASP B 94 -12.66 -4.88 30.94
CA ASP B 94 -13.63 -5.88 30.54
C ASP B 94 -13.22 -7.28 30.99
N ALA B 95 -11.92 -7.56 31.00
CA ALA B 95 -11.43 -8.86 31.47
C ALA B 95 -11.80 -9.12 32.92
N GLN B 96 -12.05 -8.07 33.71
CA GLN B 96 -12.49 -8.26 35.09
C GLN B 96 -13.88 -8.90 35.14
N MET B 97 -14.69 -8.67 34.11
CA MET B 97 -16.03 -9.26 34.09
C MET B 97 -15.93 -10.77 33.91
N GLN B 98 -16.86 -11.49 34.54
CA GLN B 98 -16.92 -12.94 34.38
C GLN B 98 -17.07 -13.32 32.91
N ASP B 99 -18.02 -12.71 32.22
CA ASP B 99 -18.24 -12.95 30.78
C ASP B 99 -18.04 -11.64 30.04
N PRO B 100 -16.87 -11.40 29.45
CA PRO B 100 -16.65 -10.11 28.75
C PRO B 100 -17.59 -9.86 27.59
N SER B 101 -18.30 -10.88 27.10
CA SER B 101 -19.23 -10.66 26.00
C SER B 101 -20.46 -9.87 26.42
N GLN B 102 -20.68 -9.67 27.72
CA GLN B 102 -21.78 -8.86 28.21
C GLN B 102 -21.44 -7.37 28.28
N SER B 103 -20.25 -6.99 27.84
CA SER B 103 -19.84 -5.59 27.89
C SER B 103 -20.68 -4.76 26.94
N GLN B 104 -20.90 -3.50 27.32
CA GLN B 104 -21.74 -2.60 26.53
C GLN B 104 -21.15 -2.27 25.17
N ILE B 105 -19.86 -2.56 24.95
CA ILE B 105 -19.28 -2.32 23.64
C ILE B 105 -19.88 -3.25 22.60
N TRP B 106 -20.41 -4.39 23.03
CA TRP B 106 -21.00 -5.36 22.12
C TRP B 106 -22.52 -5.24 22.04
N SER B 107 -23.06 -4.07 22.39
CA SER B 107 -24.50 -3.86 22.31
C SER B 107 -24.91 -3.51 20.88
N ALA B 108 -26.20 -3.70 20.59
CA ALA B 108 -26.71 -3.54 19.24
C ALA B 108 -26.58 -2.12 18.72
N ASP B 109 -26.35 -1.14 19.59
CA ASP B 109 -26.20 0.24 19.17
C ASP B 109 -24.76 0.61 18.84
N PHE B 110 -23.80 -0.29 19.06
CA PHE B 110 -22.41 0.04 18.81
C PHE B 110 -21.61 -0.89 17.89
N MET B 111 -21.20 -2.05 18.42
CA MET B 111 -20.34 -2.96 17.67
C MET B 111 -21.12 -4.23 17.33
N GLY B 112 -22.26 -4.47 17.97
CA GLY B 112 -22.96 -5.73 17.83
C GLY B 112 -22.32 -6.82 18.67
N GLY B 113 -22.98 -7.98 18.70
CA GLY B 113 -22.63 -9.05 19.60
C GLY B 113 -21.74 -10.10 18.96
N ASN B 114 -21.62 -11.22 19.66
CA ASN B 114 -20.80 -12.33 19.20
C ASN B 114 -21.44 -12.99 17.98
N GLY B 115 -20.65 -13.81 17.29
CA GLY B 115 -21.15 -14.51 16.12
C GLY B 115 -22.17 -15.57 16.49
N ASN B 116 -23.00 -15.92 15.50
CA ASN B 116 -24.04 -16.92 15.69
C ASN B 116 -23.50 -18.28 15.28
N PRO B 117 -23.33 -19.23 16.20
CA PRO B 117 -22.78 -20.53 15.81
C PRO B 117 -23.67 -21.31 14.86
N ILE B 118 -24.94 -20.90 14.70
CA ILE B 118 -25.80 -21.55 13.71
C ILE B 118 -25.42 -21.09 12.31
N LYS B 119 -24.87 -19.89 12.18
CA LYS B 119 -24.53 -19.31 10.89
C LYS B 119 -23.03 -19.20 10.70
N ASP B 120 -22.29 -20.20 11.18
CA ASP B 120 -20.83 -20.23 11.09
C ASP B 120 -20.21 -18.97 11.71
N PHE B 121 -20.81 -18.51 12.81
CA PHE B 121 -20.32 -17.40 13.60
C PHE B 121 -20.38 -16.06 12.87
N ILE B 122 -21.25 -15.96 11.85
CA ILE B 122 -21.56 -14.67 11.26
C ILE B 122 -22.22 -13.77 12.30
N VAL B 123 -21.76 -12.52 12.37
CA VAL B 123 -22.37 -11.55 13.27
C VAL B 123 -23.72 -11.13 12.71
N ASP B 124 -24.78 -11.33 13.50
CA ASP B 124 -26.15 -11.04 13.06
C ASP B 124 -26.83 -9.98 13.91
N THR B 125 -26.09 -9.24 14.72
CA THR B 125 -26.63 -8.14 15.50
C THR B 125 -25.75 -6.91 15.34
N GLY B 126 -26.34 -5.75 15.57
CA GLY B 126 -25.63 -4.50 15.50
C GLY B 126 -25.59 -3.91 14.11
N PRO B 127 -25.03 -2.71 13.99
CA PRO B 127 -25.02 -2.02 12.68
C PRO B 127 -24.13 -2.69 11.64
N PHE B 128 -23.24 -3.58 12.04
CA PHE B 128 -22.29 -4.21 11.12
C PHE B 128 -22.60 -5.67 10.87
N ALA B 129 -23.85 -6.08 11.05
CA ALA B 129 -24.24 -7.45 10.79
C ALA B 129 -24.26 -7.72 9.29
N ALA B 130 -24.24 -9.00 8.94
CA ALA B 130 -24.35 -9.42 7.54
C ALA B 130 -25.60 -8.82 6.91
N GLY B 131 -25.43 -8.31 5.69
CA GLY B 131 -26.50 -7.61 5.02
C GLY B 131 -26.48 -6.11 5.21
N ARG B 132 -25.69 -5.59 6.17
CA ARG B 132 -25.52 -4.17 6.35
C ARG B 132 -24.06 -3.74 6.32
N TRP B 133 -23.13 -4.66 6.05
CA TRP B 133 -21.70 -4.36 6.15
C TRP B 133 -20.97 -5.47 5.42
N THR B 134 -20.43 -5.16 4.25
CA THR B 134 -19.73 -6.14 3.43
C THR B 134 -18.24 -6.12 3.77
N THR B 135 -17.64 -7.32 3.80
CA THR B 135 -16.23 -7.48 4.09
C THR B 135 -15.48 -7.94 2.84
N ILE B 136 -14.17 -7.71 2.84
CA ILE B 136 -13.30 -8.15 1.76
C ILE B 136 -12.28 -9.13 2.31
N ASP B 137 -11.85 -10.07 1.47
CA ASP B 137 -10.95 -11.13 1.89
C ASP B 137 -9.49 -10.69 1.70
N GLU B 138 -8.57 -11.64 1.88
CA GLU B 138 -7.15 -11.35 1.76
C GLU B 138 -6.78 -10.87 0.35
N GLN B 139 -7.53 -11.28 -0.66
CA GLN B 139 -7.23 -10.94 -2.04
C GLN B 139 -7.89 -9.65 -2.51
N GLY B 140 -8.66 -9.00 -1.64
CA GLY B 140 -9.34 -7.77 -2.02
C GLY B 140 -10.73 -7.95 -2.59
N ASN B 141 -11.28 -9.15 -2.54
CA ASN B 141 -12.61 -9.45 -3.06
C ASN B 141 -13.60 -9.61 -1.92
N PRO B 142 -14.88 -9.34 -2.16
CA PRO B 142 -15.88 -9.49 -1.08
C PRO B 142 -15.88 -10.87 -0.47
N SER B 143 -16.15 -10.93 0.84
CA SER B 143 -16.12 -12.18 1.59
C SER B 143 -17.44 -12.50 2.29
N GLY B 144 -18.39 -11.58 2.31
CA GLY B 144 -19.76 -11.93 2.64
C GLY B 144 -20.14 -11.92 4.10
N GLY B 145 -19.53 -11.08 4.93
CA GLY B 145 -20.03 -10.91 6.28
C GLY B 145 -19.00 -10.99 7.39
N LEU B 146 -19.16 -10.12 8.38
CA LEU B 146 -18.27 -10.10 9.54
C LEU B 146 -18.52 -11.31 10.43
N LYS B 147 -17.43 -11.94 10.89
CA LYS B 147 -17.51 -13.05 11.84
C LYS B 147 -16.83 -12.69 13.15
N ARG B 148 -17.32 -13.28 14.23
CA ARG B 148 -16.72 -13.16 15.54
C ARG B 148 -16.98 -14.46 16.31
N ASN B 149 -16.04 -14.82 17.19
CA ASN B 149 -16.17 -16.04 17.99
C ASN B 149 -15.36 -15.81 19.27
N PHE B 150 -15.98 -15.12 20.23
CA PHE B 150 -15.31 -14.69 21.44
C PHE B 150 -14.71 -15.87 22.21
N GLY B 151 -13.40 -15.80 22.46
CA GLY B 151 -12.75 -16.73 23.38
C GLY B 151 -12.81 -18.18 22.97
N ALA B 152 -12.90 -18.46 21.67
CA ALA B 152 -13.01 -19.82 21.17
C ALA B 152 -11.67 -20.46 20.86
N THR B 153 -10.58 -19.93 21.41
CA THR B 153 -9.25 -20.46 21.17
C THR B 153 -8.69 -21.08 22.45
N LYS B 154 -7.80 -22.06 22.27
CA LYS B 154 -7.17 -22.72 23.39
C LYS B 154 -6.00 -21.93 23.93
N GLU B 155 -5.46 -21.02 23.13
CA GLU B 155 -4.31 -20.20 23.50
C GLU B 155 -4.70 -18.81 23.99
N ALA B 156 -5.95 -18.39 23.81
CA ALA B 156 -6.41 -17.07 24.26
C ALA B 156 -7.89 -17.16 24.64
N PRO B 157 -8.21 -17.89 25.71
CA PRO B 157 -9.61 -17.98 26.13
C PRO B 157 -10.14 -16.74 26.83
N THR B 158 -9.26 -15.89 27.36
CA THR B 158 -9.65 -14.72 28.12
C THR B 158 -8.95 -13.49 27.54
N LEU B 159 -9.40 -12.31 27.99
CA LEU B 159 -8.79 -11.03 27.65
C LEU B 159 -7.65 -10.71 28.63
N PRO B 160 -6.64 -9.97 28.17
CA PRO B 160 -5.56 -9.57 29.08
C PRO B 160 -6.08 -8.74 30.23
N THR B 161 -5.37 -8.80 31.35
CA THR B 161 -5.80 -8.20 32.60
C THR B 161 -5.15 -6.84 32.84
N ARG B 162 -5.60 -6.17 33.90
CA ARG B 162 -4.96 -4.93 34.33
C ARG B 162 -3.52 -5.18 34.73
N ASP B 163 -3.26 -6.29 35.43
CA ASP B 163 -1.90 -6.61 35.85
C ASP B 163 -0.99 -6.82 34.63
N ASP B 164 -1.52 -7.39 33.56
CA ASP B 164 -0.73 -7.53 32.34
C ASP B 164 -0.29 -6.18 31.80
N VAL B 165 -1.18 -5.18 31.86
CA VAL B 165 -0.83 -3.85 31.38
C VAL B 165 0.21 -3.21 32.29
N LEU B 166 0.04 -3.34 33.61
CA LEU B 166 0.98 -2.73 34.56
C LEU B 166 2.37 -3.34 34.41
N ASN B 167 2.45 -4.67 34.26
CA ASN B 167 3.76 -5.31 34.13
C ASN B 167 4.45 -4.92 32.82
N ALA B 168 3.68 -4.60 31.79
CA ALA B 168 4.28 -4.13 30.55
C ALA B 168 4.81 -2.71 30.71
N LEU B 169 4.14 -1.89 31.53
CA LEU B 169 4.58 -0.52 31.76
C LEU B 169 5.87 -0.44 32.57
N LYS B 170 6.27 -1.53 33.22
CA LYS B 170 7.51 -1.55 33.98
C LYS B 170 8.76 -1.63 33.10
N ILE B 171 8.62 -2.11 31.86
CA ILE B 171 9.79 -2.33 31.01
C ILE B 171 10.47 -1.01 30.71
N THR B 172 11.80 -1.00 30.81
CA THR B 172 12.56 0.24 30.65
C THR B 172 12.86 0.53 29.18
N GLN B 173 13.25 -0.48 28.41
CA GLN B 173 13.61 -0.30 27.02
C GLN B 173 12.37 -0.37 26.14
N TYR B 174 12.28 0.56 25.18
CA TYR B 174 11.22 0.49 24.19
C TYR B 174 11.33 -0.78 23.37
N ASP B 175 12.52 -1.09 22.88
CA ASP B 175 12.77 -2.31 22.14
C ASP B 175 14.25 -2.67 22.27
N THR B 176 14.56 -3.92 21.97
CA THR B 176 15.91 -4.45 22.08
C THR B 176 16.22 -5.26 20.83
N PRO B 177 17.50 -5.41 20.47
CA PRO B 177 17.88 -6.28 19.36
C PRO B 177 17.43 -7.72 19.59
N PRO B 178 17.10 -8.46 18.52
CA PRO B 178 17.18 -8.04 17.12
C PRO B 178 15.88 -7.43 16.59
N TRP B 179 15.16 -6.73 17.46
CA TRP B 179 14.00 -5.91 17.07
C TRP B 179 12.92 -6.75 16.38
N ASP B 180 12.55 -7.87 16.99
CA ASP B 180 11.55 -8.74 16.37
C ASP B 180 10.85 -9.55 17.46
N MET B 181 10.15 -10.61 17.05
CA MET B 181 9.36 -11.43 17.97
C MET B 181 10.18 -11.95 19.15
N THR B 182 11.49 -12.08 18.99
CA THR B 182 12.33 -12.67 20.02
C THR B 182 12.95 -11.63 20.94
N SER B 183 12.64 -10.35 20.75
CA SER B 183 13.20 -9.30 21.59
C SER B 183 12.79 -9.49 23.05
N GLN B 184 13.78 -9.51 23.93
CA GLN B 184 13.53 -9.66 25.36
C GLN B 184 13.74 -8.33 26.06
N ASN B 185 13.00 -8.13 27.15
CA ASN B 185 12.99 -6.87 27.90
C ASN B 185 12.67 -5.70 26.97
N SER B 186 11.62 -5.86 26.18
CA SER B 186 11.19 -4.85 25.23
C SER B 186 9.72 -4.52 25.49
N PHE B 187 9.44 -3.24 25.75
CA PHE B 187 8.06 -2.81 25.92
C PHE B 187 7.24 -3.06 24.66
N ARG B 188 7.81 -2.71 23.50
CA ARG B 188 7.11 -2.92 22.23
C ARG B 188 6.75 -4.39 22.03
N ASN B 189 7.73 -5.29 22.18
CA ASN B 189 7.43 -6.71 22.01
C ASN B 189 6.50 -7.23 23.10
N GLN B 190 6.64 -6.71 24.32
CA GLN B 190 5.72 -7.07 25.39
C GLN B 190 4.29 -6.64 25.06
N LEU B 191 4.11 -5.37 24.74
CA LEU B 191 2.77 -4.86 24.42
C LEU B 191 2.20 -5.54 23.19
N GLU B 192 3.04 -5.82 22.19
CA GLU B 192 2.56 -6.54 21.01
C GLU B 192 2.03 -7.92 21.39
N GLY B 193 2.75 -8.63 22.26
CA GLY B 193 2.23 -9.88 22.79
C GLY B 193 2.94 -11.14 22.32
N PHE B 194 4.26 -11.08 22.19
CA PHE B 194 5.05 -12.23 21.80
C PHE B 194 5.86 -12.82 22.94
N ILE B 195 5.96 -12.13 24.08
CA ILE B 195 6.60 -12.69 25.26
C ILE B 195 5.60 -13.67 25.88
N ASN B 196 5.88 -14.96 25.74
CA ASN B 196 4.96 -16.02 26.17
C ASN B 196 3.59 -15.82 25.52
N GLY B 197 3.60 -15.57 24.22
CA GLY B 197 2.40 -15.23 23.48
C GLY B 197 1.37 -16.34 23.39
N PRO B 198 0.12 -15.97 23.02
CA PRO B 198 -0.25 -14.59 22.74
C PRO B 198 -0.75 -13.85 23.98
N GLN B 199 -0.24 -12.64 24.21
CA GLN B 199 -0.68 -11.80 25.31
C GLN B 199 -1.02 -10.42 24.78
N LEU B 200 -1.73 -9.65 25.61
CA LEU B 200 -2.04 -8.25 25.33
C LEU B 200 -2.53 -8.14 23.88
N HIS B 201 -1.95 -7.19 23.13
CA HIS B 201 -2.39 -6.93 21.77
C HIS B 201 -2.71 -8.18 20.94
N ASN B 202 -1.77 -9.13 20.89
CA ASN B 202 -2.00 -10.34 20.09
C ASN B 202 -3.14 -11.17 20.64
N ARG B 203 -3.26 -11.24 21.97
CA ARG B 203 -4.32 -12.05 22.58
C ARG B 203 -5.70 -11.47 22.26
N VAL B 204 -5.83 -10.14 22.25
CA VAL B 204 -7.11 -9.52 21.94
C VAL B 204 -7.58 -9.91 20.55
N HIS B 205 -6.67 -9.93 19.57
CA HIS B 205 -7.03 -10.37 18.23
C HIS B 205 -7.49 -11.82 18.22
N ARG B 206 -6.81 -12.68 18.98
CA ARG B 206 -7.18 -14.09 19.03
C ARG B 206 -8.47 -14.31 19.80
N TRP B 207 -8.76 -13.45 20.77
CA TRP B 207 -9.97 -13.62 21.58
C TRP B 207 -11.23 -13.27 20.80
N VAL B 208 -11.18 -12.21 19.99
CA VAL B 208 -12.35 -11.83 19.22
C VAL B 208 -12.65 -12.85 18.12
N GLY B 209 -11.61 -13.37 17.47
CA GLY B 209 -11.81 -14.31 16.40
C GLY B 209 -12.36 -13.65 15.14
N GLY B 210 -12.88 -14.49 14.25
CA GLY B 210 -13.38 -13.99 12.98
C GLY B 210 -12.28 -13.37 12.16
N GLN B 211 -12.60 -12.28 11.47
CA GLN B 211 -11.59 -11.54 10.71
C GLN B 211 -10.52 -10.98 11.63
N MET B 212 -10.88 -10.64 12.86
CA MET B 212 -9.93 -10.09 13.82
C MET B 212 -8.83 -11.08 14.18
N GLY B 213 -9.01 -12.37 13.89
CA GLY B 213 -8.08 -13.40 14.27
C GLY B 213 -6.91 -13.65 13.34
N VAL B 214 -6.87 -12.97 12.19
CA VAL B 214 -5.75 -13.08 11.26
C VAL B 214 -5.41 -11.69 10.75
N VAL B 215 -4.13 -11.49 10.44
CA VAL B 215 -3.62 -10.15 10.12
C VAL B 215 -4.28 -9.53 8.89
N PRO B 216 -4.30 -10.17 7.72
CA PRO B 216 -4.73 -9.46 6.51
C PRO B 216 -6.18 -8.99 6.53
N THR B 217 -7.05 -9.61 7.33
CA THR B 217 -8.46 -9.26 7.32
C THR B 217 -8.95 -8.59 8.60
N ALA B 218 -8.08 -8.44 9.60
CA ALA B 218 -8.48 -7.87 10.89
C ALA B 218 -9.24 -6.54 10.81
N PRO B 219 -8.82 -5.55 10.01
CA PRO B 219 -9.56 -4.27 10.00
C PRO B 219 -10.98 -4.36 9.46
N ASN B 220 -11.41 -5.51 8.92
CA ASN B 220 -12.80 -5.65 8.51
C ASN B 220 -13.76 -5.45 9.67
N ASP B 221 -13.30 -5.66 10.90
CA ASP B 221 -14.12 -5.43 12.08
C ASP B 221 -13.83 -4.03 12.61
N PRO B 222 -14.82 -3.15 12.72
CA PRO B 222 -14.56 -1.79 13.22
C PRO B 222 -13.93 -1.77 14.61
N VAL B 223 -14.08 -2.84 15.40
CA VAL B 223 -13.45 -2.89 16.71
C VAL B 223 -11.93 -2.96 16.62
N PHE B 224 -11.40 -3.25 15.43
CA PHE B 224 -9.95 -3.18 15.21
C PHE B 224 -9.41 -1.81 15.58
N PHE B 225 -10.15 -0.75 15.25
CA PHE B 225 -9.67 0.60 15.51
C PHE B 225 -9.83 0.98 16.98
N LEU B 226 -10.91 0.51 17.63
CA LEU B 226 -11.06 0.73 19.06
C LEU B 226 -9.98 -0.01 19.83
N HIS B 227 -9.68 -1.25 19.42
CA HIS B 227 -8.61 -2.03 20.04
C HIS B 227 -7.28 -1.28 20.00
N HIS B 228 -6.85 -0.88 18.80
CA HIS B 228 -5.55 -0.23 18.65
C HIS B 228 -5.53 1.17 19.26
N ALA B 229 -6.68 1.83 19.38
CA ALA B 229 -6.73 3.08 20.11
C ALA B 229 -6.32 2.87 21.57
N ASN B 230 -6.70 1.73 22.15
CA ASN B 230 -6.27 1.42 23.51
C ASN B 230 -4.79 1.08 23.56
N VAL B 231 -4.29 0.36 22.56
CA VAL B 231 -2.86 0.07 22.47
C VAL B 231 -2.07 1.36 22.37
N ASP B 232 -2.56 2.31 21.56
CA ASP B 232 -1.88 3.60 21.43
C ASP B 232 -1.94 4.40 22.73
N ARG B 233 -3.03 4.25 23.49
CA ARG B 233 -3.12 4.93 24.78
C ARG B 233 -2.09 4.40 25.76
N ILE B 234 -1.96 3.07 25.85
CA ILE B 234 -1.00 2.46 26.76
C ILE B 234 0.41 2.88 26.42
N TRP B 235 0.72 2.95 25.11
CA TRP B 235 2.03 3.44 24.69
C TRP B 235 2.24 4.88 25.14
N ALA B 236 1.23 5.73 24.95
CA ALA B 236 1.35 7.13 25.37
C ALA B 236 1.55 7.25 26.87
N VAL B 237 0.94 6.36 27.65
CA VAL B 237 1.17 6.34 29.09
C VAL B 237 2.61 5.93 29.38
N TRP B 238 3.13 4.95 28.63
CA TRP B 238 4.51 4.53 28.81
C TRP B 238 5.47 5.67 28.50
N GLN B 239 5.18 6.45 27.46
CA GLN B 239 6.04 7.58 27.12
C GLN B 239 6.02 8.64 28.21
N ILE B 240 4.88 8.81 28.88
CA ILE B 240 4.80 9.79 29.96
C ILE B 240 5.57 9.30 31.18
N ILE B 241 5.49 8.01 31.47
CA ILE B 241 6.20 7.44 32.62
C ILE B 241 7.70 7.52 32.40
N HIS B 242 8.17 6.96 31.29
CA HIS B 242 9.60 6.96 30.96
C HIS B 242 9.91 8.12 30.03
N ARG B 243 9.87 9.33 30.61
CA ARG B 243 10.01 10.55 29.84
C ARG B 243 11.38 10.69 29.17
N ASN B 244 12.39 9.98 29.67
CA ASN B 244 13.73 10.07 29.11
C ASN B 244 14.14 8.82 28.34
N GLN B 245 13.20 7.93 28.06
CA GLN B 245 13.42 6.84 27.11
C GLN B 245 12.88 7.26 25.75
N ASN B 246 13.51 6.76 24.69
CA ASN B 246 13.14 7.14 23.34
C ASN B 246 13.00 5.90 22.47
N TYR B 247 12.52 6.12 21.24
CA TYR B 247 12.35 5.05 20.28
C TYR B 247 13.66 4.32 20.00
N GLN B 248 13.55 3.02 19.79
CA GLN B 248 14.68 2.20 19.35
C GLN B 248 14.20 1.26 18.26
N PRO B 249 15.06 0.97 17.26
CA PRO B 249 16.43 1.46 17.14
C PRO B 249 16.53 2.85 16.53
N MET B 250 17.54 3.61 16.94
CA MET B 250 17.80 4.91 16.35
C MET B 250 18.52 4.80 15.01
N LYS B 251 19.31 3.75 14.82
CA LYS B 251 20.07 3.57 13.59
C LYS B 251 20.51 2.12 13.48
N ASN B 252 20.99 1.76 12.28
CA ASN B 252 21.54 0.44 11.97
C ASN B 252 20.55 -0.69 12.22
N GLY B 253 19.25 -0.39 12.32
CA GLY B 253 18.23 -1.41 12.26
C GLY B 253 17.87 -1.70 10.81
N PRO B 254 16.98 -2.67 10.60
CA PRO B 254 16.47 -2.89 9.24
C PRO B 254 15.76 -1.65 8.73
N PHE B 255 15.89 -1.42 7.42
CA PHE B 255 15.26 -0.23 6.82
C PHE B 255 13.74 -0.30 6.98
N GLY B 256 13.17 0.79 7.48
CA GLY B 256 11.77 0.83 7.84
C GLY B 256 11.51 0.74 9.32
N GLN B 257 12.53 0.44 10.11
CA GLN B 257 12.40 0.31 11.56
C GLN B 257 13.13 1.39 12.34
N ASN B 258 14.03 2.14 11.70
CA ASN B 258 14.82 3.14 12.40
C ASN B 258 13.99 4.39 12.68
N PHE B 259 14.55 5.25 13.53
CA PHE B 259 13.82 6.42 14.03
C PHE B 259 13.32 7.31 12.90
N ARG B 260 14.11 7.43 11.82
CA ARG B 260 13.79 8.36 10.73
C ARG B 260 13.61 7.64 9.40
N ASP B 261 13.31 6.32 9.42
CA ASP B 261 13.02 5.65 8.17
C ASP B 261 11.54 5.77 7.82
N PRO B 262 11.20 5.86 6.54
CA PRO B 262 9.78 5.87 6.15
C PRO B 262 9.13 4.52 6.43
N MET B 263 7.90 4.58 6.94
CA MET B 263 7.12 3.38 7.26
C MET B 263 6.18 3.09 6.10
N TYR B 264 6.48 2.02 5.36
CA TYR B 264 5.58 1.54 4.32
C TYR B 264 4.20 1.31 4.93
N PRO B 265 3.14 1.70 4.21
CA PRO B 265 3.13 2.22 2.83
C PRO B 265 3.15 3.75 2.72
N TRP B 266 3.64 4.45 3.74
CA TRP B 266 3.71 5.90 3.71
C TRP B 266 5.16 6.36 3.73
N ASN B 267 5.34 7.68 3.70
CA ASN B 267 6.62 8.31 3.96
C ASN B 267 6.78 8.74 5.40
N THR B 268 5.72 8.60 6.20
CA THR B 268 5.79 8.94 7.62
C THR B 268 6.86 8.12 8.33
N THR B 269 7.65 8.79 9.16
CA THR B 269 8.67 8.16 9.97
C THR B 269 8.16 7.95 11.39
N PRO B 270 8.83 7.11 12.18
CA PRO B 270 8.42 6.98 13.58
C PRO B 270 8.53 8.28 14.36
N GLU B 271 9.55 9.09 14.06
CA GLU B 271 9.70 10.38 14.72
C GLU B 271 8.50 11.28 14.47
N ASP B 272 7.86 11.14 13.31
CA ASP B 272 6.73 12.02 12.96
C ASP B 272 5.56 11.87 13.92
N VAL B 273 5.44 10.70 14.56
CA VAL B 273 4.31 10.43 15.45
C VAL B 273 4.78 10.08 16.86
N MET B 274 6.01 10.47 17.22
CA MET B 274 6.53 10.09 18.53
C MET B 274 5.89 10.87 19.67
N ASN B 275 5.32 12.03 19.38
CA ASN B 275 4.62 12.84 20.38
C ASN B 275 3.16 12.95 19.94
N HIS B 276 2.28 12.21 20.61
CA HIS B 276 0.88 12.17 20.18
C HIS B 276 0.16 13.48 20.44
N ARG B 277 0.64 14.27 21.41
CA ARG B 277 0.04 15.57 21.66
C ARG B 277 0.30 16.53 20.50
N LYS B 278 1.48 16.44 19.88
CA LYS B 278 1.76 17.25 18.70
C LYS B 278 0.86 16.86 17.53
N LEU B 279 0.41 15.61 17.48
CA LEU B 279 -0.47 15.15 16.42
C LEU B 279 -1.88 15.71 16.54
N GLY B 280 -2.23 16.31 17.67
CA GLY B 280 -3.49 17.00 17.82
C GLY B 280 -4.56 16.30 18.62
N TYR B 281 -4.24 15.17 19.26
CA TYR B 281 -5.23 14.43 20.03
C TYR B 281 -4.68 14.09 21.41
N VAL B 282 -5.59 13.75 22.31
CA VAL B 282 -5.26 13.40 23.69
C VAL B 282 -6.28 12.37 24.17
N TYR B 283 -5.86 11.54 25.12
CA TYR B 283 -6.76 10.57 25.73
C TYR B 283 -7.36 11.15 27.01
N ASP B 284 -8.62 10.74 27.27
CA ASP B 284 -9.39 11.36 28.34
C ASP B 284 -8.75 11.16 29.72
N ILE B 285 -8.00 10.07 29.90
CA ILE B 285 -7.34 9.84 31.18
C ILE B 285 -6.24 10.86 31.44
N GLU B 286 -5.76 11.54 30.40
CA GLU B 286 -4.73 12.56 30.54
C GLU B 286 -5.28 13.88 31.05
N LEU B 287 -6.60 14.01 31.18
CA LEU B 287 -7.22 15.26 31.59
C LEU B 287 -7.57 15.24 33.08
CU CU C . 2.74 -1.36 -17.02
CU CU D . 1.23 -0.71 -13.13
C1 KOJ E . -0.25 -4.42 -17.01
C2 KOJ E . 0.70 -4.50 -15.99
C3 KOJ E . 1.53 -5.65 -15.96
C4 KOJ E . 1.37 -6.66 -16.95
C5 KOJ E . 0.40 -6.46 -17.89
C6 KOJ E . 0.21 -7.50 -18.95
O2 KOJ E . 0.88 -3.45 -14.93
O3 KOJ E . 2.50 -5.76 -14.92
O5 KOJ E . -0.36 -5.38 -17.89
O6 KOJ E . -1.12 -7.33 -19.43
CU CU F . -1.95 -4.22 12.41
CU CU G . -3.63 -5.37 16.00
C1 KOJ H . -1.81 -9.52 15.26
C2 KOJ H . -2.32 -8.51 14.42
C3 KOJ H . -3.52 -8.77 13.68
C4 KOJ H . -4.15 -10.06 13.82
C5 KOJ H . -3.53 -10.97 14.67
C6 KOJ H . -4.15 -12.33 14.86
O2 KOJ H . -1.64 -7.20 14.32
O3 KOJ H . -4.08 -7.77 12.82
O5 KOJ H . -2.42 -10.68 15.34
O6 KOJ H . -3.39 -13.03 15.86
#